data_9D4V
#
_entry.id   9D4V
#
_cell.length_a   62.727
_cell.length_b   80.824
_cell.length_c   65.857
_cell.angle_alpha   90.000
_cell.angle_beta   107.274
_cell.angle_gamma   90.000
#
_symmetry.space_group_name_H-M   'P 1 21 1'
#
loop_
_entity.id
_entity.type
_entity.pdbx_description
1 polymer 'Serine/threonine-protein kinase PAK 1'
2 non-polymer N~2~-{[(1s,4s)-4-aminocyclohexyl]methyl}-N~4~-(5-cyclopropyl-1,3-thiazol-2-yl)pyrimidine-2,4-diamine
3 water water
#
_entity_poly.entity_id   1
_entity_poly.type   'polypeptide(L)'
_entity_poly.pdbx_seq_one_letter_code
;SDEEILEKLRSIVSVGDPKKKYTRFEKIGQGASGTVYTAMDVATGQEVAIKQMNLQQQPKKELIINEILVMRENKNPNIV
NYLDSYLVGDELWVVMEYLAGGSLTDVVTETCMDEGQIAAVCRECLQALEFLHSNQVIHRNIKSDNILLGMDGSVKLTDF
GFCAQITPEQSKRSEMVGTPYWMAPEVVTRKAYGPKVDIWSLGIMAIEMIEGEPPYLNENPLRALYLIATNGTPELQNPE
KLSAIFRDFLNRCLEMDVEKRGSAKELLQHQFLKIAKPLSSLTPLIAAAKEATKNNH
;
_entity_poly.pdbx_strand_id   A,B
#
loop_
_chem_comp.id
_chem_comp.type
_chem_comp.name
_chem_comp.formula
A1A2P non-polymer N~2~-{[(1s,4s)-4-aminocyclohexyl]methyl}-N~4~-(5-cyclopropyl-1,3-thiazol-2-yl)pyrimidine-2,4-diamine 'C17 H24 N6 S'
#
# COMPACT_ATOMS: atom_id res chain seq x y z
N GLU A 4 16.40 0.08 -15.60
CA GLU A 4 15.60 -0.47 -16.73
C GLU A 4 14.66 0.63 -17.27
N ILE A 5 13.41 0.70 -16.77
CA ILE A 5 12.50 1.83 -16.96
C ILE A 5 12.69 2.82 -15.81
N LEU A 6 13.29 2.28 -14.74
CA LEU A 6 13.85 3.01 -13.62
C LEU A 6 15.03 3.93 -14.05
N GLU A 7 15.68 3.67 -15.19
CA GLU A 7 16.73 4.55 -15.71
C GLU A 7 16.10 5.90 -16.06
N LYS A 8 14.89 5.89 -16.65
CA LYS A 8 14.15 7.10 -16.90
C LYS A 8 13.77 7.87 -15.60
N LEU A 9 13.34 7.11 -14.61
CA LEU A 9 13.03 7.73 -13.33
C LEU A 9 14.27 8.47 -12.80
N ARG A 10 15.43 7.81 -12.75
CA ARG A 10 16.64 8.41 -12.16
C ARG A 10 17.10 9.65 -12.93
N SER A 11 16.75 9.79 -14.19
CA SER A 11 17.15 10.93 -14.98
C SER A 11 16.21 12.12 -14.84
N ILE A 12 14.95 11.90 -14.39
CA ILE A 12 14.00 12.99 -14.10
C ILE A 12 14.35 13.73 -12.83
N VAL A 13 14.73 12.91 -11.85
CA VAL A 13 14.97 13.44 -10.52
C VAL A 13 16.15 14.41 -10.50
N SER A 14 16.10 15.42 -9.62
CA SER A 14 17.27 16.23 -9.32
C SER A 14 18.18 15.44 -8.37
N VAL A 15 19.41 15.92 -8.29
CA VAL A 15 20.37 15.26 -7.44
C VAL A 15 20.76 16.22 -6.32
N GLY A 16 21.19 15.59 -5.23
CA GLY A 16 21.67 16.35 -4.11
C GLY A 16 20.88 15.97 -2.89
N ASP A 17 21.31 16.52 -1.75
CA ASP A 17 20.85 16.05 -0.48
C ASP A 17 19.52 16.74 -0.15
N PRO A 18 18.36 16.03 -0.20
CA PRO A 18 17.13 16.67 0.26
C PRO A 18 17.14 16.77 1.80
N LYS A 19 17.97 15.94 2.48
CA LYS A 19 17.97 15.85 3.93
C LYS A 19 18.75 17.00 4.54
N LYS A 20 19.45 17.77 3.69
CA LYS A 20 20.14 18.99 4.07
C LYS A 20 19.64 20.18 3.24
N LYS A 21 18.78 20.04 2.21
CA LYS A 21 18.20 21.26 1.64
C LYS A 21 16.95 21.74 2.40
N TYR A 22 16.47 20.91 3.38
CA TYR A 22 15.13 20.93 3.99
C TYR A 22 15.29 20.44 5.44
N THR A 23 14.50 21.02 6.37
CA THR A 23 14.51 20.60 7.77
C THR A 23 13.22 20.87 8.55
N ARG A 24 13.19 20.40 9.81
CA ARG A 24 12.05 20.51 10.72
C ARG A 24 10.88 19.78 10.07
N PHE A 25 11.10 18.47 9.83
CA PHE A 25 10.18 17.52 9.25
C PHE A 25 9.15 16.97 10.24
N GLU A 26 7.84 17.33 10.09
CA GLU A 26 6.75 16.60 10.76
C GLU A 26 5.79 15.99 9.74
N LYS A 27 5.40 14.72 10.00
CA LYS A 27 4.26 14.05 9.37
C LYS A 27 2.99 14.90 9.48
N ILE A 28 2.35 15.20 8.35
CA ILE A 28 1.04 15.81 8.34
C ILE A 28 0.04 14.79 7.81
N GLY A 29 0.52 13.64 7.29
CA GLY A 29 -0.32 12.70 6.56
C GLY A 29 0.42 11.39 6.39
N GLN A 30 -0.31 10.28 6.32
CA GLN A 30 0.26 9.05 5.82
C GLN A 30 -0.78 8.29 5.00
N GLY A 31 -0.85 8.50 3.67
CA GLY A 31 -1.67 7.72 2.73
C GLY A 31 -1.02 6.39 2.28
N ALA A 32 -1.62 5.73 1.23
CA ALA A 32 -1.04 4.53 0.58
C ALA A 32 0.03 4.95 -0.42
N SER A 33 1.21 4.28 -0.38
CA SER A 33 2.44 4.77 -0.97
C SER A 33 2.46 6.31 -1.02
N GLY A 34 2.35 6.91 0.17
CA GLY A 34 2.57 8.34 0.38
C GLY A 34 2.58 8.66 1.88
N THR A 35 3.78 8.82 2.46
CA THR A 35 3.94 9.53 3.73
C THR A 35 4.20 11.01 3.46
N VAL A 36 3.42 11.94 4.01
CA VAL A 36 3.63 13.33 3.69
C VAL A 36 4.17 14.09 4.90
N TYR A 37 5.20 14.88 4.64
CA TYR A 37 5.79 15.65 5.70
C TYR A 37 5.76 17.10 5.30
N THR A 38 5.69 17.97 6.29
CA THR A 38 6.00 19.37 6.00
C THR A 38 7.47 19.58 6.30
N ALA A 39 8.02 20.62 5.72
CA ALA A 39 9.39 20.90 6.03
C ALA A 39 9.67 22.32 5.61
N MET A 40 10.88 22.74 6.07
CA MET A 40 11.50 24.05 5.96
C MET A 40 12.73 23.97 5.03
N ASP A 41 12.64 24.68 3.87
CA ASP A 41 13.76 24.89 2.97
C ASP A 41 14.79 25.81 3.64
N VAL A 42 15.87 25.20 4.18
CA VAL A 42 16.91 25.95 4.88
C VAL A 42 17.36 27.15 4.03
N ALA A 43 17.51 26.99 2.71
CA ALA A 43 17.77 28.08 1.76
C ALA A 43 16.46 28.67 1.22
N THR A 44 16.34 30.01 1.31
CA THR A 44 15.21 30.83 0.87
C THR A 44 14.04 30.80 1.87
N GLY A 45 13.86 29.72 2.65
CA GLY A 45 13.07 29.77 3.88
C GLY A 45 11.69 29.09 3.81
N GLN A 46 11.23 28.79 2.59
CA GLN A 46 9.85 28.44 2.33
C GLN A 46 9.50 27.07 2.91
N GLU A 47 8.20 26.90 3.04
CA GLU A 47 7.65 25.70 3.64
C GLU A 47 7.07 24.86 2.50
N VAL A 48 7.27 23.57 2.69
CA VAL A 48 6.99 22.66 1.60
C VAL A 48 6.34 21.42 2.19
N ALA A 49 5.67 20.70 1.28
CA ALA A 49 5.15 19.41 1.58
C ALA A 49 6.03 18.43 0.83
N ILE A 50 6.47 17.39 1.51
CA ILE A 50 7.22 16.42 0.79
C ILE A 50 6.54 15.09 0.99
N LYS A 51 6.26 14.49 -0.16
CA LYS A 51 5.71 13.15 -0.19
C LYS A 51 6.87 12.16 -0.34
N GLN A 52 6.85 11.10 0.50
CA GLN A 52 7.90 10.08 0.44
C GLN A 52 7.27 8.75 0.12
N MET A 53 7.77 8.15 -0.94
CA MET A 53 7.15 6.91 -1.44
C MET A 53 8.20 5.81 -1.54
N ASN A 54 7.86 4.66 -0.97
CA ASN A 54 8.69 3.46 -1.06
C ASN A 54 8.62 2.87 -2.47
N LEU A 55 9.78 2.69 -3.13
CA LEU A 55 9.86 2.14 -4.48
C LEU A 55 9.34 0.68 -4.56
N GLN A 56 9.62 -0.15 -3.54
CA GLN A 56 9.27 -1.57 -3.59
C GLN A 56 7.76 -1.80 -3.53
N GLN A 57 7.01 -0.90 -2.88
CA GLN A 57 5.55 -1.02 -2.72
C GLN A 57 4.83 -0.91 -4.06
N GLN A 58 5.46 -0.19 -5.03
CA GLN A 58 4.89 0.07 -6.34
C GLN A 58 5.62 -0.77 -7.39
N PRO A 59 4.93 -1.82 -7.91
CA PRO A 59 5.56 -2.72 -8.89
C PRO A 59 5.60 -2.06 -10.27
N LYS A 60 4.69 -1.10 -10.51
CA LYS A 60 4.45 -0.51 -11.80
C LYS A 60 5.10 0.88 -11.84
N LYS A 61 6.43 0.94 -11.99
CA LYS A 61 7.21 2.17 -11.83
C LYS A 61 6.89 3.23 -12.88
N GLU A 62 6.35 2.80 -14.04
CA GLU A 62 5.90 3.67 -15.12
C GLU A 62 4.83 4.64 -14.60
N LEU A 63 4.18 4.35 -13.43
CA LEU A 63 3.17 5.21 -12.80
C LEU A 63 3.81 6.31 -11.95
N ILE A 64 4.91 6.00 -11.26
CA ILE A 64 5.70 7.03 -10.58
C ILE A 64 6.20 8.07 -11.58
N ILE A 65 6.70 7.63 -12.74
CA ILE A 65 7.18 8.51 -13.80
C ILE A 65 6.06 9.36 -14.35
N ASN A 66 5.01 8.68 -14.83
CA ASN A 66 3.78 9.37 -15.22
C ASN A 66 3.34 10.32 -14.10
N GLU A 67 3.45 9.99 -12.80
CA GLU A 67 3.01 10.99 -11.82
C GLU A 67 3.77 12.33 -11.83
N ILE A 68 5.12 12.29 -11.88
CA ILE A 68 5.94 13.52 -11.83
C ILE A 68 5.78 14.29 -13.14
N LEU A 69 5.70 13.57 -14.25
CA LEU A 69 5.53 14.23 -15.52
C LEU A 69 4.20 14.98 -15.53
N VAL A 70 3.09 14.39 -15.08
CA VAL A 70 1.84 15.09 -15.39
C VAL A 70 1.81 16.33 -14.54
N MET A 71 2.27 16.19 -13.32
CA MET A 71 2.19 17.34 -12.48
C MET A 71 3.11 18.46 -12.98
N ARG A 72 4.32 18.06 -13.43
CA ARG A 72 5.28 19.09 -13.82
C ARG A 72 4.82 19.73 -15.10
N GLU A 73 4.11 19.05 -15.96
CA GLU A 73 3.67 19.56 -17.25
C GLU A 73 2.27 20.19 -17.29
N ASN A 74 1.52 20.18 -16.18
CA ASN A 74 0.13 20.68 -16.21
C ASN A 74 -0.10 21.55 -14.99
N LYS A 75 0.69 22.60 -14.84
CA LYS A 75 0.56 23.49 -13.72
C LYS A 75 -0.66 24.39 -13.95
N ASN A 76 -1.31 24.74 -12.83
CA ASN A 76 -2.61 25.35 -12.89
C ASN A 76 -2.95 25.77 -11.46
N PRO A 77 -3.72 26.86 -11.34
CA PRO A 77 -3.99 27.40 -10.01
C PRO A 77 -4.83 26.39 -9.18
N ASN A 78 -5.59 25.49 -9.85
CA ASN A 78 -6.39 24.49 -9.09
C ASN A 78 -5.72 23.12 -8.97
N ILE A 79 -4.39 23.06 -9.13
CA ILE A 79 -3.57 21.88 -8.92
C ILE A 79 -2.42 22.17 -8.00
N VAL A 80 -2.17 21.26 -7.09
CA VAL A 80 -1.10 21.46 -6.13
C VAL A 80 0.20 21.62 -6.95
N ASN A 81 1.11 22.46 -6.47
CA ASN A 81 2.26 22.90 -7.27
C ASN A 81 3.51 22.02 -7.02
N TYR A 82 3.96 21.34 -8.11
CA TYR A 82 5.15 20.51 -8.06
C TYR A 82 6.36 21.43 -8.00
N LEU A 83 7.29 21.20 -7.05
CA LEU A 83 8.60 21.89 -7.07
C LEU A 83 9.77 21.03 -7.54
N ASP A 84 9.96 19.82 -7.02
CA ASP A 84 11.19 19.09 -7.29
C ASP A 84 11.02 17.69 -6.76
N SER A 85 11.96 16.84 -7.17
CA SER A 85 11.95 15.46 -6.75
C SER A 85 13.39 14.93 -6.52
N TYR A 86 13.50 13.76 -5.82
CA TYR A 86 14.76 13.19 -5.31
C TYR A 86 14.58 11.69 -5.08
N LEU A 87 15.56 10.88 -5.54
CA LEU A 87 15.70 9.50 -5.11
C LEU A 87 16.64 9.40 -3.89
N VAL A 88 16.14 8.83 -2.77
CA VAL A 88 16.87 8.72 -1.50
C VAL A 88 16.97 7.27 -1.04
N GLY A 89 17.87 6.47 -1.62
CA GLY A 89 17.97 5.07 -1.28
C GLY A 89 16.88 4.21 -1.95
N ASP A 90 15.85 3.83 -1.20
CA ASP A 90 14.75 3.01 -1.74
C ASP A 90 13.46 3.80 -1.79
N GLU A 91 13.59 5.12 -1.94
CA GLU A 91 12.48 6.00 -1.65
C GLU A 91 12.61 7.23 -2.56
N LEU A 92 11.47 7.59 -3.17
CA LEU A 92 11.36 8.82 -3.93
C LEU A 92 10.62 9.87 -3.12
N TRP A 93 11.28 11.03 -3.08
CA TRP A 93 10.74 12.22 -2.45
C TRP A 93 10.25 13.18 -3.49
N VAL A 94 8.94 13.57 -3.43
CA VAL A 94 8.41 14.63 -4.26
C VAL A 94 8.04 15.81 -3.36
N VAL A 95 8.52 16.94 -3.85
CA VAL A 95 8.46 18.20 -3.15
C VAL A 95 7.47 19.10 -3.82
N MET A 96 6.55 19.69 -3.01
CA MET A 96 5.48 20.54 -3.49
C MET A 96 5.29 21.74 -2.57
N GLU A 97 4.65 22.74 -3.11
CA GLU A 97 4.24 23.94 -2.43
C GLU A 97 3.20 23.63 -1.34
N TYR A 98 3.44 24.03 -0.10
CA TYR A 98 2.60 23.67 1.02
C TYR A 98 1.49 24.70 1.14
N LEU A 99 0.32 24.19 1.51
CA LEU A 99 -0.91 24.96 1.59
C LEU A 99 -1.51 24.68 2.98
N ALA A 100 -1.55 25.70 3.84
CA ALA A 100 -2.13 25.53 5.15
C ALA A 100 -3.62 25.49 4.96
N GLY A 101 -4.24 24.58 5.63
CA GLY A 101 -5.62 24.28 5.26
C GLY A 101 -5.81 22.82 5.69
N GLY A 102 -6.71 22.13 5.07
CA GLY A 102 -6.79 20.69 5.34
C GLY A 102 -7.34 20.03 4.09
N SER A 103 -7.60 18.74 4.24
CA SER A 103 -8.29 17.95 3.23
C SER A 103 -9.75 18.37 3.19
N LEU A 104 -10.41 18.25 2.02
CA LEU A 104 -11.87 18.31 1.99
C LEU A 104 -12.46 17.22 2.85
N THR A 105 -11.76 16.09 3.08
CA THR A 105 -12.27 15.02 3.91
C THR A 105 -12.55 15.40 5.34
N ASP A 106 -11.63 16.15 5.93
CA ASP A 106 -11.88 16.72 7.24
C ASP A 106 -13.10 17.63 7.28
N VAL A 107 -13.28 18.49 6.29
CA VAL A 107 -14.50 19.24 6.25
C VAL A 107 -15.76 18.39 6.07
N VAL A 108 -15.79 17.39 5.16
CA VAL A 108 -17.07 16.74 4.90
C VAL A 108 -17.44 15.83 6.06
N THR A 109 -16.44 15.32 6.78
CA THR A 109 -16.77 14.47 7.91
C THR A 109 -17.03 15.25 9.19
N GLU A 110 -16.61 16.50 9.34
CA GLU A 110 -16.77 17.19 10.61
C GLU A 110 -17.72 18.38 10.55
N THR A 111 -18.23 18.79 9.41
CA THR A 111 -19.04 20.00 9.35
C THR A 111 -20.21 19.75 8.41
N CYS A 112 -21.08 20.72 8.34
CA CYS A 112 -22.13 20.58 7.39
CA CYS A 112 -22.14 20.59 7.38
C CYS A 112 -21.97 21.75 6.44
N MET A 113 -21.87 21.46 5.18
CA MET A 113 -21.67 22.47 4.18
C MET A 113 -23.03 22.99 3.65
N ASP A 114 -23.21 24.29 3.30
CA ASP A 114 -24.40 24.68 2.57
C ASP A 114 -24.19 24.56 1.08
N GLU A 115 -25.31 24.59 0.36
CA GLU A 115 -25.31 24.55 -1.05
C GLU A 115 -24.27 25.47 -1.72
N GLY A 116 -24.18 26.71 -1.21
CA GLY A 116 -23.24 27.74 -1.63
C GLY A 116 -21.78 27.32 -1.52
N GLN A 117 -21.43 26.69 -0.40
CA GLN A 117 -20.11 26.24 -0.24
C GLN A 117 -19.85 25.06 -1.18
N ILE A 118 -20.82 24.18 -1.32
CA ILE A 118 -20.66 23.00 -2.13
C ILE A 118 -20.48 23.40 -3.57
N ALA A 119 -21.23 24.43 -3.99
CA ALA A 119 -21.14 24.92 -5.37
C ALA A 119 -19.77 25.53 -5.64
N ALA A 120 -19.22 26.25 -4.68
CA ALA A 120 -17.92 26.82 -4.82
C ALA A 120 -16.79 25.76 -4.92
N VAL A 121 -16.83 24.70 -4.14
CA VAL A 121 -15.88 23.61 -4.32
C VAL A 121 -16.06 22.94 -5.71
N CYS A 122 -17.29 22.54 -5.99
CA CYS A 122 -17.54 21.93 -7.27
C CYS A 122 -16.98 22.80 -8.40
N ARG A 123 -17.21 24.14 -8.38
CA ARG A 123 -16.68 24.93 -9.46
C ARG A 123 -15.18 24.84 -9.52
N GLU A 124 -14.48 24.93 -8.37
CA GLU A 124 -13.06 24.95 -8.58
C GLU A 124 -12.50 23.58 -9.05
N CYS A 125 -13.18 22.49 -8.70
CA CYS A 125 -12.77 21.14 -9.11
C CYS A 125 -13.06 20.94 -10.59
N LEU A 126 -14.22 21.36 -11.01
CA LEU A 126 -14.49 21.38 -12.44
C LEU A 126 -13.51 22.22 -13.26
N GLN A 127 -12.96 23.33 -12.75
CA GLN A 127 -11.93 24.08 -13.46
C GLN A 127 -10.68 23.22 -13.58
N ALA A 128 -10.26 22.50 -12.50
CA ALA A 128 -9.09 21.65 -12.55
C ALA A 128 -9.27 20.55 -13.59
N LEU A 129 -10.44 20.00 -13.61
CA LEU A 129 -10.75 18.90 -14.55
C LEU A 129 -10.90 19.33 -16.01
N GLU A 130 -11.47 20.50 -16.26
CA GLU A 130 -11.49 20.99 -17.64
C GLU A 130 -10.07 21.24 -18.14
N PHE A 131 -9.24 21.81 -17.29
CA PHE A 131 -7.89 21.95 -17.69
C PHE A 131 -7.22 20.59 -17.99
N LEU A 132 -7.31 19.60 -17.06
CA LEU A 132 -6.67 18.31 -17.31
C LEU A 132 -7.20 17.67 -18.56
N HIS A 133 -8.49 17.58 -18.64
CA HIS A 133 -9.15 16.91 -19.75
C HIS A 133 -8.81 17.52 -21.12
N SER A 134 -8.60 18.82 -21.18
CA SER A 134 -8.21 19.48 -22.43
C SER A 134 -6.75 19.15 -22.74
N ASN A 135 -5.90 18.99 -21.75
CA ASN A 135 -4.57 18.42 -21.94
C ASN A 135 -4.51 16.87 -22.04
N GLN A 136 -5.64 16.20 -22.29
CA GLN A 136 -5.62 14.75 -22.47
C GLN A 136 -5.18 13.93 -21.24
N VAL A 137 -5.42 14.42 -20.04
CA VAL A 137 -5.13 13.70 -18.81
C VAL A 137 -6.42 13.41 -18.03
N ILE A 138 -6.67 12.17 -17.62
CA ILE A 138 -7.79 11.75 -16.78
C ILE A 138 -7.13 11.46 -15.43
N HIS A 139 -7.80 11.86 -14.31
CA HIS A 139 -7.20 11.79 -13.00
C HIS A 139 -7.37 10.35 -12.53
N ARG A 140 -8.65 9.92 -12.54
CA ARG A 140 -9.13 8.61 -12.17
C ARG A 140 -9.28 8.43 -10.70
N ASN A 141 -8.79 9.33 -9.81
CA ASN A 141 -8.92 9.14 -8.36
C ASN A 141 -9.50 10.37 -7.64
N ILE A 142 -10.46 11.01 -8.25
CA ILE A 142 -11.20 12.11 -7.61
C ILE A 142 -12.02 11.64 -6.40
N LYS A 143 -11.85 12.32 -5.28
CA LYS A 143 -12.43 12.08 -3.98
C LYS A 143 -11.99 13.24 -3.08
N SER A 144 -12.72 13.44 -2.00
CA SER A 144 -12.52 14.52 -1.05
C SER A 144 -11.10 14.47 -0.48
N ASP A 145 -10.59 13.24 -0.35
CA ASP A 145 -9.23 13.02 0.24
C ASP A 145 -8.14 13.58 -0.64
N ASN A 146 -8.40 13.86 -1.93
CA ASN A 146 -7.42 14.40 -2.84
C ASN A 146 -7.68 15.86 -3.26
N ILE A 147 -8.50 16.54 -2.49
CA ILE A 147 -8.79 17.94 -2.61
C ILE A 147 -8.20 18.62 -1.37
N LEU A 148 -7.40 19.60 -1.60
CA LEU A 148 -6.80 20.42 -0.53
C LEU A 148 -7.35 21.83 -0.59
N LEU A 149 -7.76 22.31 0.60
CA LEU A 149 -8.34 23.62 0.79
C LEU A 149 -7.33 24.50 1.53
N GLY A 150 -6.98 25.66 0.95
CA GLY A 150 -6.13 26.64 1.60
C GLY A 150 -6.84 27.54 2.63
N MET A 151 -6.05 28.19 3.49
CA MET A 151 -6.55 29.16 4.46
C MET A 151 -7.06 30.44 3.78
N ASP A 152 -6.76 30.71 2.51
CA ASP A 152 -7.54 31.66 1.71
C ASP A 152 -8.79 31.08 1.09
N GLY A 153 -9.06 29.80 1.24
CA GLY A 153 -10.22 29.26 0.54
C GLY A 153 -9.90 28.76 -0.87
N SER A 154 -8.64 28.75 -1.19
CA SER A 154 -8.08 27.99 -2.30
C SER A 154 -8.58 26.54 -2.28
N VAL A 155 -8.88 25.99 -3.48
CA VAL A 155 -9.28 24.61 -3.63
C VAL A 155 -8.29 23.97 -4.61
N LYS A 156 -7.48 22.96 -4.16
CA LYS A 156 -6.63 22.36 -5.18
C LYS A 156 -6.70 20.82 -5.21
N LEU A 157 -6.59 20.29 -6.40
CA LEU A 157 -6.51 18.83 -6.71
C LEU A 157 -5.12 18.34 -6.49
N THR A 158 -4.96 17.15 -5.90
CA THR A 158 -3.70 16.46 -5.65
C THR A 158 -3.79 14.98 -6.07
N ASP A 159 -2.62 14.29 -5.97
CA ASP A 159 -2.45 12.86 -5.97
C ASP A 159 -2.66 12.34 -7.40
N PHE A 160 -1.62 12.53 -8.29
CA PHE A 160 -1.65 12.21 -9.70
C PHE A 160 -1.14 10.79 -9.98
N GLY A 161 -0.96 9.98 -8.93
CA GLY A 161 -0.43 8.61 -9.02
C GLY A 161 -1.27 7.62 -9.83
N PHE A 162 -2.57 7.85 -10.05
CA PHE A 162 -3.40 6.98 -10.84
C PHE A 162 -3.69 7.59 -12.19
N CYS A 163 -3.15 8.73 -12.55
CA CYS A 163 -3.74 9.39 -13.74
C CYS A 163 -3.30 8.65 -15.03
N ALA A 164 -4.01 8.90 -16.16
CA ALA A 164 -3.71 8.33 -17.47
C ALA A 164 -3.68 9.40 -18.55
N GLN A 165 -2.84 9.24 -19.59
CA GLN A 165 -2.85 10.09 -20.77
C GLN A 165 -3.54 9.39 -21.89
N ILE A 166 -4.39 10.14 -22.60
CA ILE A 166 -5.04 9.62 -23.77
C ILE A 166 -4.57 10.37 -25.03
N THR A 167 -4.96 9.90 -26.22
CA THR A 167 -4.63 10.59 -27.47
C THR A 167 -5.80 10.41 -28.43
N PRO A 168 -5.91 11.09 -29.61
CA PRO A 168 -6.93 10.71 -30.60
C PRO A 168 -6.86 9.24 -31.07
N GLU A 169 -5.69 8.59 -30.94
CA GLU A 169 -5.47 7.23 -31.41
C GLU A 169 -5.79 6.20 -30.31
N GLN A 170 -5.47 6.54 -29.05
CA GLN A 170 -5.78 5.72 -27.89
C GLN A 170 -6.64 6.57 -26.97
N SER A 171 -7.89 6.86 -27.38
CA SER A 171 -8.72 7.88 -26.74
C SER A 171 -9.42 7.35 -25.47
N LYS A 172 -9.34 6.03 -25.29
CA LYS A 172 -10.05 5.38 -24.20
C LYS A 172 -9.03 4.56 -23.44
N ARG A 173 -9.29 4.29 -22.14
CA ARG A 173 -8.45 3.49 -21.26
C ARG A 173 -9.28 2.30 -20.83
N SER A 174 -8.65 1.32 -20.18
CA SER A 174 -9.32 0.06 -19.82
C SER A 174 -8.84 -0.51 -18.50
N GLU A 175 -7.96 0.22 -17.78
CA GLU A 175 -7.45 -0.30 -16.51
C GLU A 175 -8.51 -0.09 -15.41
N MET A 176 -8.68 -1.10 -14.54
CA MET A 176 -9.73 -1.07 -13.53
C MET A 176 -9.12 -0.39 -12.30
N VAL A 177 -9.05 0.94 -12.37
CA VAL A 177 -8.24 1.73 -11.43
C VAL A 177 -9.09 2.83 -10.75
N GLY A 178 -8.84 3.09 -9.47
CA GLY A 178 -9.55 4.16 -8.75
C GLY A 178 -9.72 3.70 -7.28
N THR A 179 -10.66 4.29 -6.53
CA THR A 179 -10.98 3.88 -5.17
C THR A 179 -12.42 3.49 -5.23
N PRO A 180 -12.78 2.23 -4.86
CA PRO A 180 -14.07 1.62 -5.24
C PRO A 180 -15.25 2.58 -5.09
N TYR A 181 -15.42 3.23 -3.95
CA TYR A 181 -16.67 4.00 -3.73
C TYR A 181 -16.86 5.14 -4.74
N TRP A 182 -15.79 5.65 -5.44
CA TRP A 182 -15.90 6.83 -6.31
C TRP A 182 -15.84 6.48 -7.75
N MET A 183 -15.72 5.18 -8.00
CA MET A 183 -15.52 4.72 -9.37
C MET A 183 -16.77 4.62 -10.20
N ALA A 184 -16.62 5.00 -11.43
CA ALA A 184 -17.75 5.08 -12.28
C ALA A 184 -18.11 3.69 -12.83
N PRO A 185 -19.39 3.35 -13.06
CA PRO A 185 -19.77 1.99 -13.48
C PRO A 185 -19.00 1.47 -14.70
N GLU A 186 -18.74 2.32 -15.71
CA GLU A 186 -18.01 1.88 -16.86
C GLU A 186 -16.65 1.33 -16.44
N VAL A 187 -15.96 1.94 -15.44
CA VAL A 187 -14.68 1.46 -15.00
C VAL A 187 -14.89 0.11 -14.29
N VAL A 188 -15.85 0.08 -13.39
CA VAL A 188 -16.08 -1.02 -12.47
C VAL A 188 -16.50 -2.19 -13.39
N THR A 189 -17.07 -1.97 -14.56
CA THR A 189 -17.56 -3.09 -15.32
C THR A 189 -16.72 -3.29 -16.57
N ARG A 190 -15.51 -2.74 -16.52
CA ARG A 190 -14.43 -2.97 -17.46
C ARG A 190 -14.86 -2.63 -18.85
N LYS A 191 -15.47 -1.52 -19.08
CA LYS A 191 -15.61 -1.10 -20.48
C LYS A 191 -14.66 0.05 -20.79
N ALA A 192 -14.46 0.34 -22.06
CA ALA A 192 -13.56 1.39 -22.44
C ALA A 192 -14.13 2.73 -21.87
N TYR A 193 -13.31 3.65 -21.36
CA TYR A 193 -13.85 4.86 -20.71
C TYR A 193 -12.91 6.04 -20.89
N GLY A 194 -13.50 7.19 -20.62
CA GLY A 194 -12.98 8.45 -21.07
C GLY A 194 -12.92 9.36 -19.87
N PRO A 195 -12.61 10.62 -20.13
CA PRO A 195 -12.44 11.63 -19.10
C PRO A 195 -13.66 11.84 -18.19
N LYS A 196 -14.81 11.34 -18.60
CA LYS A 196 -16.06 11.54 -17.83
C LYS A 196 -16.13 10.65 -16.59
N VAL A 197 -15.17 9.75 -16.41
CA VAL A 197 -15.17 8.97 -15.17
C VAL A 197 -14.87 9.89 -14.01
N ASP A 198 -14.10 10.95 -14.25
CA ASP A 198 -13.76 11.91 -13.22
C ASP A 198 -15.00 12.73 -12.88
N ILE A 199 -15.85 13.03 -13.88
CA ILE A 199 -17.10 13.75 -13.62
C ILE A 199 -17.99 12.93 -12.68
N TRP A 200 -18.11 11.63 -13.04
CA TRP A 200 -18.80 10.71 -12.13
C TRP A 200 -18.22 10.91 -10.74
N SER A 201 -16.87 10.78 -10.57
CA SER A 201 -16.29 10.70 -9.21
C SER A 201 -16.65 12.01 -8.52
N LEU A 202 -16.65 13.08 -9.29
CA LEU A 202 -16.91 14.42 -8.75
C LEU A 202 -18.35 14.45 -8.18
N GLY A 203 -19.24 13.76 -8.90
CA GLY A 203 -20.67 13.58 -8.48
C GLY A 203 -20.74 12.91 -7.13
N ILE A 204 -19.89 11.85 -7.00
CA ILE A 204 -19.76 11.17 -5.73
C ILE A 204 -19.27 12.08 -4.65
N MET A 205 -18.25 12.89 -4.97
CA MET A 205 -17.71 13.76 -3.93
C MET A 205 -18.75 14.77 -3.47
N ALA A 206 -19.64 15.18 -4.35
CA ALA A 206 -20.78 16.12 -4.04
C ALA A 206 -21.79 15.47 -3.12
N ILE A 207 -21.89 14.15 -3.31
CA ILE A 207 -22.59 13.36 -2.29
C ILE A 207 -21.90 13.36 -0.94
N GLU A 208 -20.58 13.19 -0.89
CA GLU A 208 -19.90 13.24 0.41
C GLU A 208 -20.17 14.61 1.09
N MET A 209 -20.18 15.66 0.32
CA MET A 209 -20.32 17.00 0.89
C MET A 209 -21.73 17.14 1.46
N ILE A 210 -22.73 16.45 0.91
CA ILE A 210 -24.12 16.47 1.39
C ILE A 210 -24.29 15.58 2.60
N GLU A 211 -23.94 14.30 2.45
CA GLU A 211 -24.25 13.30 3.47
C GLU A 211 -23.10 12.97 4.36
N GLY A 212 -21.86 13.31 3.94
CA GLY A 212 -20.71 13.03 4.76
C GLY A 212 -19.91 11.82 4.30
N GLU A 213 -20.41 11.04 3.36
CA GLU A 213 -19.74 9.80 3.00
C GLU A 213 -20.11 9.49 1.58
N PRO A 214 -19.28 8.79 0.74
CA PRO A 214 -19.72 8.32 -0.52
C PRO A 214 -20.75 7.21 -0.23
N PRO A 215 -21.60 6.89 -1.19
CA PRO A 215 -22.55 5.78 -1.06
C PRO A 215 -21.83 4.46 -0.86
N TYR A 216 -22.37 3.67 0.09
CA TYR A 216 -22.01 2.30 0.37
C TYR A 216 -20.75 2.18 1.17
N LEU A 217 -20.33 3.23 1.85
CA LEU A 217 -19.08 3.23 2.58
C LEU A 217 -19.02 2.22 3.72
N ASN A 218 -20.17 1.88 4.24
CA ASN A 218 -20.26 0.96 5.34
C ASN A 218 -20.04 -0.47 4.80
N GLU A 219 -20.25 -0.70 3.50
CA GLU A 219 -19.96 -1.98 2.85
C GLU A 219 -18.43 -2.15 2.62
N ASN A 220 -18.05 -3.36 2.19
CA ASN A 220 -16.64 -3.55 1.96
C ASN A 220 -16.40 -3.14 0.50
N PRO A 221 -15.12 -2.87 0.19
CA PRO A 221 -14.78 -2.43 -1.16
C PRO A 221 -15.28 -3.30 -2.29
N LEU A 222 -15.18 -4.64 -2.16
CA LEU A 222 -15.69 -5.47 -3.24
C LEU A 222 -17.22 -5.45 -3.30
N ARG A 223 -17.85 -5.37 -2.16
CA ARG A 223 -19.32 -5.22 -2.13
C ARG A 223 -19.72 -3.87 -2.78
N ALA A 224 -18.96 -2.80 -2.51
CA ALA A 224 -19.32 -1.52 -3.11
C ALA A 224 -19.22 -1.66 -4.56
N LEU A 225 -18.18 -2.38 -5.02
CA LEU A 225 -18.05 -2.53 -6.47
C LEU A 225 -19.26 -3.27 -7.07
N TYR A 226 -19.69 -4.32 -6.39
CA TYR A 226 -20.86 -5.06 -6.92
C TYR A 226 -22.08 -4.11 -6.96
N LEU A 227 -22.29 -3.40 -5.82
CA LEU A 227 -23.42 -2.47 -5.68
C LEU A 227 -23.40 -1.45 -6.79
N ILE A 228 -22.17 -1.02 -7.19
CA ILE A 228 -22.08 0.04 -8.16
C ILE A 228 -22.45 -0.50 -9.51
N ALA A 229 -21.95 -1.70 -9.77
CA ALA A 229 -22.24 -2.40 -11.01
C ALA A 229 -23.76 -2.70 -11.16
N THR A 230 -24.36 -3.04 -10.03
CA THR A 230 -25.80 -3.37 -9.99
C THR A 230 -26.74 -2.18 -9.75
N ASN A 231 -26.40 -1.08 -9.05
CA ASN A 231 -27.40 0.00 -8.97
C ASN A 231 -27.27 1.01 -10.12
N GLY A 232 -26.07 1.24 -10.65
CA GLY A 232 -25.87 2.48 -11.38
C GLY A 232 -25.93 3.71 -10.45
N THR A 233 -26.63 4.75 -10.97
CA THR A 233 -26.94 5.96 -10.26
C THR A 233 -27.26 5.69 -8.80
N PRO A 234 -26.43 6.14 -7.90
CA PRO A 234 -26.70 5.88 -6.50
C PRO A 234 -27.87 6.78 -6.08
N GLU A 235 -28.42 6.44 -4.93
CA GLU A 235 -29.46 7.28 -4.33
C GLU A 235 -29.02 7.86 -3.02
N LEU A 236 -29.53 9.07 -2.79
CA LEU A 236 -29.25 9.81 -1.58
C LEU A 236 -30.17 9.30 -0.47
N GLN A 237 -29.68 9.30 0.76
CA GLN A 237 -30.48 9.00 1.93
C GLN A 237 -31.70 9.91 2.02
N ASN A 238 -31.62 11.14 1.53
CA ASN A 238 -32.56 12.19 1.90
C ASN A 238 -32.67 13.23 0.80
N PRO A 239 -33.15 12.84 -0.36
CA PRO A 239 -33.10 13.75 -1.51
C PRO A 239 -33.90 15.04 -1.41
N GLU A 240 -34.92 14.99 -0.56
CA GLU A 240 -35.85 16.10 -0.43
C GLU A 240 -35.14 17.24 0.32
N LYS A 241 -34.00 17.00 0.95
CA LYS A 241 -33.29 18.10 1.56
C LYS A 241 -32.52 18.96 0.55
N LEU A 242 -32.48 18.64 -0.73
CA LEU A 242 -31.68 19.42 -1.67
C LEU A 242 -32.53 20.27 -2.59
N SER A 243 -31.99 21.41 -3.02
CA SER A 243 -32.66 22.25 -4.00
C SER A 243 -32.80 21.50 -5.31
N ALA A 244 -33.50 22.11 -6.25
CA ALA A 244 -33.81 21.32 -7.43
C ALA A 244 -32.64 21.42 -8.43
N ILE A 245 -32.12 22.61 -8.66
CA ILE A 245 -30.97 22.79 -9.49
C ILE A 245 -29.78 21.93 -9.00
N PHE A 246 -29.54 21.81 -7.67
CA PHE A 246 -28.56 20.86 -7.11
C PHE A 246 -28.89 19.41 -7.43
N ARG A 247 -30.16 18.95 -7.23
CA ARG A 247 -30.49 17.65 -7.78
C ARG A 247 -30.22 17.55 -9.27
N ASP A 248 -30.46 18.64 -10.00
CA ASP A 248 -30.23 18.55 -11.42
C ASP A 248 -28.72 18.28 -11.68
N PHE A 249 -27.88 19.01 -10.99
CA PHE A 249 -26.44 18.96 -11.16
C PHE A 249 -25.94 17.55 -10.87
N LEU A 250 -26.37 16.94 -9.77
CA LEU A 250 -26.02 15.59 -9.44
C LEU A 250 -26.37 14.65 -10.54
N ASN A 251 -27.59 14.87 -11.05
CA ASN A 251 -28.11 13.97 -12.06
C ASN A 251 -27.18 13.99 -13.27
N ARG A 252 -26.73 15.16 -13.73
CA ARG A 252 -25.88 15.20 -14.91
C ARG A 252 -24.44 14.70 -14.65
N CYS A 253 -23.97 14.70 -13.38
CA CYS A 253 -22.67 14.17 -12.95
C CYS A 253 -22.75 12.65 -12.87
N LEU A 254 -23.90 12.17 -12.42
CA LEU A 254 -24.16 10.78 -12.19
C LEU A 254 -25.03 10.03 -13.21
N GLU A 255 -25.03 10.52 -14.44
CA GLU A 255 -25.67 9.84 -15.57
C GLU A 255 -24.94 8.53 -15.97
N MET A 256 -25.73 7.49 -16.31
CA MET A 256 -25.21 6.17 -16.64
C MET A 256 -24.73 6.15 -18.08
N ASP A 257 -25.43 6.91 -18.86
CA ASP A 257 -25.07 7.06 -20.25
C ASP A 257 -23.95 8.08 -20.29
N VAL A 258 -22.76 7.62 -20.72
CA VAL A 258 -21.57 8.44 -20.81
C VAL A 258 -21.81 9.58 -21.79
N GLU A 259 -22.67 9.32 -22.77
CA GLU A 259 -22.91 10.32 -23.81
C GLU A 259 -23.72 11.53 -23.30
N LYS A 260 -24.74 11.22 -22.49
CA LYS A 260 -25.57 12.22 -21.83
C LYS A 260 -24.92 12.85 -20.57
N ARG A 261 -23.88 12.25 -19.90
CA ARG A 261 -23.20 12.79 -18.71
C ARG A 261 -22.51 14.08 -19.08
N GLY A 262 -22.55 15.03 -18.21
CA GLY A 262 -21.81 16.19 -18.61
C GLY A 262 -20.29 16.05 -18.71
N SER A 263 -19.72 16.90 -19.55
CA SER A 263 -18.31 17.20 -19.54
C SER A 263 -18.00 18.28 -18.52
N ALA A 264 -16.75 18.41 -18.17
CA ALA A 264 -16.36 19.46 -17.25
C ALA A 264 -16.68 20.88 -17.78
N LYS A 265 -16.55 21.09 -19.10
CA LYS A 265 -16.85 22.34 -19.76
C LYS A 265 -18.35 22.69 -19.66
N GLU A 266 -19.19 21.78 -20.10
CA GLU A 266 -20.62 21.82 -19.87
C GLU A 266 -20.98 22.18 -18.43
N LEU A 267 -20.41 21.49 -17.47
CA LEU A 267 -20.95 21.56 -16.11
C LEU A 267 -20.57 22.86 -15.47
N LEU A 268 -19.49 23.41 -15.98
CA LEU A 268 -19.13 24.74 -15.52
C LEU A 268 -20.18 25.79 -15.90
N GLN A 269 -21.16 25.49 -16.77
CA GLN A 269 -22.22 26.42 -17.13
C GLN A 269 -23.48 26.14 -16.34
N HIS A 270 -23.53 25.02 -15.66
CA HIS A 270 -24.70 24.68 -14.85
C HIS A 270 -25.09 25.80 -13.86
N GLN A 271 -26.41 25.94 -13.72
CA GLN A 271 -27.01 27.02 -12.95
C GLN A 271 -26.70 26.79 -11.48
N PHE A 272 -26.57 25.51 -11.11
CA PHE A 272 -26.16 25.18 -9.75
C PHE A 272 -24.95 26.01 -9.34
N LEU A 273 -23.92 26.20 -10.20
CA LEU A 273 -22.72 26.87 -9.66
C LEU A 273 -22.93 28.38 -9.50
N LYS A 274 -23.97 28.94 -10.15
CA LYS A 274 -24.35 30.36 -10.01
C LYS A 274 -24.55 30.72 -8.54
N ILE A 275 -24.90 29.74 -7.69
CA ILE A 275 -25.14 30.04 -6.30
C ILE A 275 -23.88 29.97 -5.49
N ALA A 276 -22.72 29.70 -6.09
CA ALA A 276 -21.51 29.56 -5.30
C ALA A 276 -21.29 30.77 -4.43
N LYS A 277 -20.98 30.48 -3.19
CA LYS A 277 -20.38 31.46 -2.38
C LYS A 277 -18.99 31.84 -2.86
N PRO A 278 -18.51 33.00 -2.41
CA PRO A 278 -17.08 33.29 -2.49
C PRO A 278 -16.26 32.27 -1.72
N LEU A 279 -14.99 32.13 -2.12
CA LEU A 279 -14.19 31.07 -1.52
C LEU A 279 -13.84 31.37 -0.08
N SER A 280 -13.90 32.64 0.37
CA SER A 280 -13.69 32.91 1.82
C SER A 280 -14.80 32.22 2.66
N SER A 281 -15.96 31.88 2.02
CA SER A 281 -17.03 31.04 2.62
C SER A 281 -16.46 29.76 3.20
N LEU A 282 -15.34 29.25 2.70
CA LEU A 282 -14.85 27.90 3.06
C LEU A 282 -13.97 27.96 4.31
N THR A 283 -13.48 29.16 4.69
CA THR A 283 -12.48 29.18 5.75
C THR A 283 -13.08 28.93 7.12
N PRO A 284 -14.35 29.31 7.35
CA PRO A 284 -15.04 28.85 8.58
C PRO A 284 -15.11 27.31 8.74
N LEU A 285 -15.30 26.64 7.61
CA LEU A 285 -15.30 25.17 7.57
C LEU A 285 -13.96 24.59 8.01
N ILE A 286 -12.89 25.17 7.46
CA ILE A 286 -11.55 24.68 7.69
C ILE A 286 -11.22 24.87 9.15
N ALA A 287 -11.57 26.06 9.66
CA ALA A 287 -11.39 26.28 11.11
C ALA A 287 -12.20 25.31 11.94
N ALA A 288 -13.46 25.12 11.50
CA ALA A 288 -14.26 24.14 12.21
C ALA A 288 -13.59 22.78 12.18
N ALA A 289 -13.16 22.33 11.01
CA ALA A 289 -12.53 21.00 10.87
C ALA A 289 -11.28 20.88 11.75
N LYS A 290 -10.43 21.90 11.72
CA LYS A 290 -9.27 21.85 12.58
C LYS A 290 -9.68 21.73 14.01
N GLU A 291 -10.71 22.49 14.45
CA GLU A 291 -11.10 22.35 15.85
C GLU A 291 -11.59 20.93 16.10
N ALA A 292 -12.37 20.36 15.19
CA ALA A 292 -12.93 19.04 15.47
C ALA A 292 -11.88 17.96 15.52
N THR A 293 -10.76 18.15 14.85
CA THR A 293 -9.77 17.09 14.76
C THR A 293 -8.64 17.29 15.79
N LYS A 294 -8.62 18.43 16.53
CA LYS A 294 -7.64 18.72 17.58
C LYS A 294 -7.56 17.50 18.51
N GLU B 4 6.61 5.53 31.71
CA GLU B 4 6.84 4.75 32.97
C GLU B 4 7.20 3.31 32.63
N ILE B 5 7.33 3.00 31.33
CA ILE B 5 7.42 1.63 30.81
C ILE B 5 8.84 1.35 30.29
N LEU B 6 9.69 2.39 30.34
CA LEU B 6 11.09 2.33 29.95
C LEU B 6 11.97 1.90 31.14
N GLU B 7 11.45 1.06 32.09
CA GLU B 7 12.16 0.46 33.24
C GLU B 7 11.73 -1.03 33.47
N LYS B 8 10.56 -1.46 32.97
CA LYS B 8 10.32 -2.87 32.64
C LYS B 8 11.25 -3.23 31.49
N LEU B 9 11.46 -2.24 30.61
CA LEU B 9 12.43 -2.32 29.52
C LEU B 9 13.80 -2.67 30.06
N ARG B 10 14.18 -1.98 31.14
CA ARG B 10 15.52 -2.04 31.69
C ARG B 10 15.76 -3.43 32.32
N SER B 11 14.70 -4.12 32.80
CA SER B 11 14.86 -5.44 33.40
C SER B 11 15.36 -6.46 32.38
N ILE B 12 14.88 -6.31 31.11
CA ILE B 12 15.25 -7.18 29.97
C ILE B 12 16.56 -6.72 29.31
N VAL B 13 16.61 -5.48 28.77
CA VAL B 13 17.70 -5.05 27.90
C VAL B 13 19.01 -5.46 28.55
N SER B 14 20.04 -5.76 27.75
CA SER B 14 21.37 -6.03 28.30
C SER B 14 22.09 -4.74 28.60
N VAL B 15 23.15 -4.93 29.39
CA VAL B 15 24.10 -3.90 29.74
C VAL B 15 25.43 -4.36 29.17
N GLY B 16 26.21 -3.39 28.69
CA GLY B 16 27.15 -3.58 27.61
C GLY B 16 27.03 -2.36 26.68
N ASP B 17 28.16 -1.98 26.09
CA ASP B 17 28.16 -1.01 25.01
C ASP B 17 28.15 -1.85 23.74
N PRO B 18 27.03 -1.87 23.00
CA PRO B 18 26.93 -2.66 21.78
C PRO B 18 27.84 -2.06 20.74
N LYS B 19 28.38 -0.84 20.95
CA LYS B 19 29.27 -0.26 19.93
C LYS B 19 30.66 -0.95 19.90
N LYS B 20 31.04 -1.62 20.99
CA LYS B 20 32.28 -2.39 21.08
C LYS B 20 32.06 -3.91 21.12
N LYS B 21 30.82 -4.40 21.23
CA LYS B 21 30.50 -5.81 21.14
C LYS B 21 30.32 -6.17 19.65
N TYR B 22 30.04 -5.17 18.80
CA TYR B 22 29.75 -5.46 17.39
C TYR B 22 30.65 -4.58 16.55
N THR B 23 30.98 -5.00 15.33
CA THR B 23 31.72 -4.18 14.42
C THR B 23 31.14 -4.32 13.02
N ARG B 24 31.75 -3.63 12.03
CA ARG B 24 31.42 -3.75 10.61
C ARG B 24 29.96 -3.56 10.32
N PHE B 25 29.40 -2.41 10.75
CA PHE B 25 28.00 -2.13 10.54
C PHE B 25 27.74 -1.68 9.12
N GLU B 26 26.65 -2.18 8.53
CA GLU B 26 26.21 -1.81 7.19
C GLU B 26 24.68 -1.76 7.20
N LYS B 27 24.09 -0.65 6.70
CA LYS B 27 22.63 -0.50 6.64
C LYS B 27 22.11 -1.44 5.57
N ILE B 28 20.96 -2.05 5.84
CA ILE B 28 20.24 -2.77 4.80
C ILE B 28 18.86 -2.14 4.57
N GLY B 29 18.17 -1.74 5.65
CA GLY B 29 16.79 -1.25 5.57
C GLY B 29 16.48 -0.22 6.67
N GLN B 30 15.25 0.36 6.61
CA GLN B 30 14.78 1.48 7.42
C GLN B 30 13.24 1.48 7.55
N GLY B 31 12.65 2.57 8.05
CA GLY B 31 11.19 2.70 8.05
C GLY B 31 10.61 2.92 9.44
N ALA B 32 9.93 1.87 9.96
CA ALA B 32 9.30 1.87 11.27
C ALA B 32 10.28 1.46 12.38
N SER B 33 11.02 0.34 12.19
CA SER B 33 12.05 -0.12 13.13
C SER B 33 13.37 0.65 12.99
N GLY B 34 13.26 1.98 12.80
CA GLY B 34 14.42 2.85 12.68
C GLY B 34 15.26 2.53 11.44
N THR B 35 16.40 1.87 11.67
CA THR B 35 17.19 1.30 10.60
C THR B 35 17.65 -0.08 11.07
N VAL B 36 17.83 -0.97 10.10
CA VAL B 36 18.36 -2.30 10.33
C VAL B 36 19.75 -2.39 9.68
N TYR B 37 20.64 -3.02 10.44
CA TYR B 37 22.01 -3.19 10.01
C TYR B 37 22.47 -4.63 10.25
N THR B 38 23.44 -5.03 9.43
CA THR B 38 24.16 -6.25 9.64
C THR B 38 25.44 -5.82 10.33
N ALA B 39 25.91 -6.71 11.15
CA ALA B 39 27.09 -6.42 11.89
C ALA B 39 27.61 -7.79 12.25
N MET B 40 28.72 -7.75 12.98
CA MET B 40 29.44 -8.94 13.33
C MET B 40 29.83 -8.83 14.78
N ASP B 41 29.60 -9.92 15.51
CA ASP B 41 30.04 -10.01 16.88
C ASP B 41 31.58 -10.09 16.85
N VAL B 42 32.25 -9.18 17.56
CA VAL B 42 33.70 -9.11 17.51
C VAL B 42 34.30 -10.22 18.33
N ALA B 43 33.57 -10.85 19.23
CA ALA B 43 34.16 -11.93 19.99
C ALA B 43 33.98 -13.32 19.36
N THR B 44 32.94 -13.50 18.53
CA THR B 44 32.60 -14.87 18.10
C THR B 44 32.67 -14.97 16.59
N GLY B 45 32.55 -13.84 15.92
CA GLY B 45 32.41 -13.76 14.46
C GLY B 45 31.02 -14.09 13.84
N GLN B 46 30.01 -14.41 14.67
CA GLN B 46 28.57 -14.40 14.28
C GLN B 46 28.11 -13.10 13.59
N GLU B 47 27.55 -13.25 12.38
CA GLU B 47 26.80 -12.17 11.75
C GLU B 47 25.41 -12.00 12.40
N VAL B 48 24.99 -10.78 12.68
CA VAL B 48 23.71 -10.42 13.26
C VAL B 48 23.04 -9.27 12.45
N ALA B 49 21.72 -9.11 12.69
CA ALA B 49 20.96 -7.94 12.28
C ALA B 49 20.60 -7.16 13.54
N ILE B 50 20.78 -5.85 13.44
CA ILE B 50 20.51 -5.01 14.59
C ILE B 50 19.48 -3.95 14.19
N LYS B 51 18.31 -3.93 14.87
CA LYS B 51 17.34 -2.87 14.62
C LYS B 51 17.46 -1.88 15.78
N GLN B 52 17.67 -0.62 15.39
CA GLN B 52 17.96 0.55 16.19
C GLN B 52 16.71 1.43 16.15
N MET B 53 16.20 1.85 17.30
CA MET B 53 14.99 2.68 17.34
C MET B 53 15.24 3.94 18.17
N ASN B 54 14.81 5.11 17.66
CA ASN B 54 14.76 6.35 18.41
C ASN B 54 13.44 6.36 19.18
N LEU B 55 13.47 5.84 20.42
CA LEU B 55 12.30 5.57 21.25
C LEU B 55 11.71 6.90 21.75
N GLN B 56 12.54 7.96 21.83
CA GLN B 56 12.02 9.32 21.99
C GLN B 56 10.97 9.56 20.91
N GLN B 57 11.33 9.26 19.65
CA GLN B 57 10.48 9.50 18.50
C GLN B 57 9.37 8.46 18.34
N GLN B 58 9.25 7.46 19.23
CA GLN B 58 8.27 6.39 19.03
C GLN B 58 6.96 6.78 19.72
N PRO B 59 6.04 7.46 18.99
CA PRO B 59 4.66 7.68 19.46
C PRO B 59 3.84 6.39 19.28
N LYS B 60 3.75 5.92 18.03
CA LYS B 60 3.17 4.64 17.65
C LYS B 60 3.90 3.47 18.29
N LYS B 61 3.26 2.30 18.17
CA LYS B 61 3.79 1.06 18.69
C LYS B 61 4.54 1.34 19.99
N GLU B 62 3.82 1.84 21.01
CA GLU B 62 4.42 2.11 22.32
C GLU B 62 4.47 0.81 23.16
N LEU B 63 3.69 -0.22 22.80
CA LEU B 63 3.74 -1.53 23.47
C LEU B 63 4.41 -2.59 22.56
N ILE B 64 5.45 -2.15 21.82
CA ILE B 64 6.32 -3.02 21.03
C ILE B 64 7.32 -3.69 21.97
N ILE B 65 7.50 -3.13 23.17
CA ILE B 65 8.31 -3.78 24.20
C ILE B 65 7.63 -5.08 24.68
N ASN B 66 6.43 -5.36 24.23
CA ASN B 66 5.79 -6.57 24.69
C ASN B 66 6.19 -7.68 23.73
N GLU B 67 6.28 -7.31 22.46
CA GLU B 67 6.69 -8.23 21.39
C GLU B 67 8.12 -8.74 21.60
N ILE B 68 9.00 -7.84 22.07
CA ILE B 68 10.37 -8.20 22.42
C ILE B 68 10.36 -9.27 23.51
N LEU B 69 9.37 -9.12 24.38
CA LEU B 69 9.21 -10.04 25.48
C LEU B 69 8.73 -11.39 24.98
N VAL B 70 7.91 -11.34 23.92
CA VAL B 70 7.46 -12.54 23.21
C VAL B 70 8.67 -13.28 22.65
N MET B 71 9.31 -12.63 21.65
CA MET B 71 10.46 -13.19 20.94
C MET B 71 11.47 -13.80 21.91
N ARG B 72 11.66 -13.21 23.11
CA ARG B 72 12.74 -13.61 24.00
C ARG B 72 12.48 -15.00 24.60
N GLU B 73 11.21 -15.29 24.90
CA GLU B 73 10.88 -16.55 25.55
C GLU B 73 10.56 -17.59 24.46
N ASN B 74 10.12 -17.07 23.30
CA ASN B 74 9.63 -17.90 22.19
C ASN B 74 10.57 -17.85 20.95
N LYS B 75 11.47 -18.83 20.89
CA LYS B 75 12.46 -18.96 19.85
C LYS B 75 12.22 -20.27 19.15
N ASN B 76 12.50 -20.27 17.85
CA ASN B 76 12.27 -21.44 17.00
C ASN B 76 13.39 -21.50 15.98
N PRO B 77 14.00 -22.67 15.72
CA PRO B 77 14.96 -22.77 14.60
C PRO B 77 14.48 -22.27 13.24
N ASN B 78 13.17 -22.11 13.02
CA ASN B 78 12.68 -21.78 11.71
C ASN B 78 12.14 -20.35 11.68
N ILE B 79 12.52 -19.55 12.67
CA ILE B 79 12.26 -18.14 12.60
C ILE B 79 13.57 -17.41 12.92
N VAL B 80 13.69 -16.16 12.48
CA VAL B 80 14.77 -15.23 12.86
C VAL B 80 14.63 -14.88 14.33
N ASN B 81 15.46 -15.43 15.20
CA ASN B 81 15.30 -15.32 16.64
C ASN B 81 15.90 -14.02 17.16
N TYR B 82 15.35 -13.55 18.27
CA TYR B 82 15.95 -12.48 19.05
C TYR B 82 17.21 -13.06 19.67
N LEU B 83 18.29 -12.26 19.69
CA LEU B 83 19.48 -12.62 20.45
C LEU B 83 19.64 -11.73 21.72
N ASP B 84 19.49 -10.43 21.57
CA ASP B 84 19.76 -9.58 22.71
C ASP B 84 19.19 -8.23 22.38
N SER B 85 19.20 -7.33 23.41
CA SER B 85 18.81 -5.96 23.18
C SER B 85 19.70 -5.02 24.06
N TYR B 86 19.78 -3.75 23.67
CA TYR B 86 20.61 -2.75 24.32
C TYR B 86 19.85 -1.42 24.28
N LEU B 87 19.79 -0.66 25.39
CA LEU B 87 19.29 0.71 25.35
C LEU B 87 20.47 1.65 25.17
N VAL B 88 20.55 2.40 24.05
CA VAL B 88 21.65 3.33 23.76
C VAL B 88 21.25 4.77 24.08
N GLY B 89 21.06 5.06 25.39
CA GLY B 89 20.37 6.25 25.89
C GLY B 89 18.87 6.27 25.57
N ASP B 90 18.50 6.95 24.45
CA ASP B 90 17.12 6.92 23.97
C ASP B 90 17.00 6.21 22.62
N GLU B 91 18.04 5.50 22.18
CA GLU B 91 17.90 4.57 21.06
C GLU B 91 17.80 3.17 21.66
N LEU B 92 16.81 2.37 21.21
CA LEU B 92 16.75 0.93 21.54
C LEU B 92 17.39 0.12 20.40
N TRP B 93 18.24 -0.83 20.79
CA TRP B 93 18.93 -1.68 19.83
C TRP B 93 18.47 -3.10 20.06
N VAL B 94 17.84 -3.66 19.00
CA VAL B 94 17.45 -5.09 19.09
C VAL B 94 18.36 -5.93 18.19
N VAL B 95 18.91 -7.01 18.78
CA VAL B 95 19.82 -7.79 17.92
C VAL B 95 19.19 -9.18 17.63
N MET B 96 19.13 -9.45 16.34
CA MET B 96 18.47 -10.65 15.75
C MET B 96 19.54 -11.55 15.15
N GLU B 97 19.21 -12.80 14.86
CA GLU B 97 19.99 -13.65 13.98
C GLU B 97 20.05 -13.10 12.57
N TYR B 98 21.17 -13.37 11.91
CA TYR B 98 21.30 -12.98 10.51
C TYR B 98 21.59 -14.25 9.71
N LEU B 99 20.92 -14.47 8.58
CA LEU B 99 21.19 -15.63 7.74
C LEU B 99 21.81 -15.18 6.43
N ALA B 100 23.09 -15.59 6.22
CA ALA B 100 23.74 -15.34 4.95
C ALA B 100 23.15 -16.34 3.97
N GLY B 101 22.79 -15.88 2.80
CA GLY B 101 21.97 -16.79 2.00
C GLY B 101 21.13 -15.85 1.16
N GLY B 102 20.11 -16.33 0.52
CA GLY B 102 19.24 -15.39 -0.16
C GLY B 102 17.84 -15.40 0.45
N SER B 103 17.03 -14.43 0.09
CA SER B 103 15.61 -14.53 0.09
C SER B 103 15.15 -15.56 -0.95
N LEU B 104 14.14 -16.24 -0.54
CA LEU B 104 13.48 -17.16 -1.43
C LEU B 104 13.11 -16.49 -2.72
N THR B 105 12.73 -15.22 -2.69
CA THR B 105 12.32 -14.59 -3.94
C THR B 105 13.45 -14.54 -4.97
N ASP B 106 14.66 -14.38 -4.51
CA ASP B 106 15.81 -14.40 -5.41
C ASP B 106 16.06 -15.80 -5.99
N VAL B 107 15.86 -16.86 -5.18
CA VAL B 107 15.88 -18.23 -5.64
C VAL B 107 14.84 -18.47 -6.70
N VAL B 108 13.65 -18.01 -6.34
CA VAL B 108 12.51 -18.38 -7.13
C VAL B 108 12.68 -17.70 -8.46
N THR B 109 13.34 -16.55 -8.52
CA THR B 109 13.38 -15.78 -9.79
C THR B 109 14.54 -16.23 -10.73
N GLU B 110 15.63 -16.73 -10.17
CA GLU B 110 16.86 -17.06 -10.89
C GLU B 110 17.01 -18.55 -11.21
N THR B 111 16.13 -19.41 -10.65
CA THR B 111 16.23 -20.85 -10.80
C THR B 111 14.85 -21.40 -11.07
N CYS B 112 14.80 -22.69 -11.43
CA CYS B 112 13.52 -23.41 -11.37
CA CYS B 112 13.54 -23.45 -11.42
C CYS B 112 13.66 -24.53 -10.36
N MET B 113 12.92 -24.33 -9.26
CA MET B 113 12.91 -25.22 -8.12
CA MET B 113 12.93 -25.23 -8.13
C MET B 113 12.18 -26.50 -8.57
N ASP B 114 12.67 -27.66 -8.17
CA ASP B 114 11.90 -28.88 -8.36
C ASP B 114 11.03 -29.17 -7.16
N GLU B 115 10.16 -30.23 -7.29
CA GLU B 115 9.13 -30.49 -6.31
C GLU B 115 9.70 -30.94 -4.98
N GLY B 116 10.87 -31.56 -5.06
CA GLY B 116 11.58 -32.02 -3.89
C GLY B 116 12.11 -30.80 -3.12
N GLN B 117 12.54 -29.78 -3.82
CA GLN B 117 13.06 -28.64 -3.07
C GLN B 117 11.91 -27.80 -2.52
N ILE B 118 10.83 -27.74 -3.26
CA ILE B 118 9.67 -26.94 -2.86
C ILE B 118 9.09 -27.59 -1.61
N ALA B 119 9.07 -28.92 -1.61
CA ALA B 119 8.58 -29.65 -0.47
C ALA B 119 9.38 -29.36 0.78
N ALA B 120 10.70 -29.29 0.68
CA ALA B 120 11.56 -29.02 1.83
C ALA B 120 11.35 -27.59 2.35
N VAL B 121 11.13 -26.62 1.47
CA VAL B 121 10.80 -25.29 1.89
C VAL B 121 9.40 -25.21 2.53
N CYS B 122 8.45 -25.91 2.02
CA CYS B 122 7.09 -25.87 2.55
C CYS B 122 7.06 -26.46 3.95
N ARG B 123 7.85 -27.56 4.14
CA ARG B 123 7.92 -28.17 5.46
C ARG B 123 8.49 -27.26 6.53
N GLU B 124 9.66 -26.64 6.26
CA GLU B 124 10.26 -25.78 7.27
C GLU B 124 9.37 -24.60 7.61
N CYS B 125 8.72 -24.01 6.59
CA CYS B 125 7.73 -22.94 6.76
C CYS B 125 6.48 -23.38 7.51
N LEU B 126 6.08 -24.65 7.36
CA LEU B 126 5.00 -25.14 8.21
C LEU B 126 5.45 -25.35 9.65
N GLN B 127 6.69 -25.75 9.89
CA GLN B 127 7.15 -25.91 11.26
C GLN B 127 7.10 -24.55 11.95
N ALA B 128 7.52 -23.53 11.22
CA ALA B 128 7.55 -22.20 11.76
C ALA B 128 6.10 -21.85 12.05
N LEU B 129 5.17 -22.14 11.12
CA LEU B 129 3.79 -21.72 11.32
C LEU B 129 3.15 -22.49 12.45
N GLU B 130 3.53 -23.75 12.64
CA GLU B 130 2.99 -24.51 13.73
C GLU B 130 3.32 -23.84 15.07
N PHE B 131 4.54 -23.37 15.18
CA PHE B 131 5.02 -22.72 16.37
C PHE B 131 4.33 -21.36 16.54
N LEU B 132 4.26 -20.55 15.48
CA LEU B 132 3.70 -19.23 15.67
C LEU B 132 2.22 -19.36 16.09
N HIS B 133 1.48 -20.21 15.40
CA HIS B 133 0.05 -20.44 15.67
C HIS B 133 -0.27 -20.91 17.09
N SER B 134 0.64 -21.73 17.65
CA SER B 134 0.44 -22.37 18.94
C SER B 134 0.80 -21.38 20.06
N ASN B 135 1.47 -20.25 19.73
CA ASN B 135 1.55 -19.08 20.60
C ASN B 135 0.68 -17.95 20.07
N GLN B 136 -0.42 -18.23 19.36
CA GLN B 136 -1.40 -17.20 18.97
C GLN B 136 -0.82 -16.01 18.20
N VAL B 137 0.20 -16.24 17.36
CA VAL B 137 0.63 -15.23 16.40
C VAL B 137 0.02 -15.60 15.07
N ILE B 138 -0.47 -14.61 14.34
CA ILE B 138 -0.68 -14.79 12.93
C ILE B 138 0.38 -13.98 12.18
N HIS B 139 1.06 -14.60 11.22
CA HIS B 139 2.05 -13.95 10.41
C HIS B 139 1.40 -12.85 9.60
N ARG B 140 0.55 -13.21 8.64
CA ARG B 140 -0.15 -12.31 7.74
C ARG B 140 0.58 -12.00 6.41
N ASN B 141 1.85 -12.17 6.43
CA ASN B 141 2.65 -11.78 5.28
C ASN B 141 3.53 -12.99 4.84
N ILE B 142 3.01 -14.22 4.77
CA ILE B 142 3.80 -15.32 4.24
C ILE B 142 3.93 -15.17 2.74
N LYS B 143 5.18 -14.91 2.31
CA LYS B 143 5.42 -14.66 0.90
C LYS B 143 6.94 -14.71 0.72
N SER B 144 7.32 -15.04 -0.49
CA SER B 144 8.75 -15.41 -0.77
C SER B 144 9.79 -14.35 -0.33
N ASP B 145 9.40 -13.09 -0.29
CA ASP B 145 10.23 -11.98 0.24
C ASP B 145 10.58 -12.16 1.71
N ASN B 146 9.72 -12.85 2.49
CA ASN B 146 9.89 -12.99 3.95
C ASN B 146 10.53 -14.33 4.38
N ILE B 147 10.95 -15.13 3.42
CA ILE B 147 11.60 -16.37 3.76
C ILE B 147 13.10 -16.22 3.48
N LEU B 148 13.97 -16.52 4.43
CA LEU B 148 15.41 -16.44 4.25
C LEU B 148 15.99 -17.84 4.25
N LEU B 149 16.95 -18.07 3.36
CA LEU B 149 17.64 -19.35 3.22
C LEU B 149 19.03 -19.21 3.78
N GLY B 150 19.59 -20.34 4.15
CA GLY B 150 20.89 -20.25 4.78
C GLY B 150 21.88 -21.00 3.91
N MET B 151 23.13 -20.70 4.15
CA MET B 151 24.18 -21.27 3.35
C MET B 151 24.33 -22.72 3.71
N ASP B 152 23.75 -23.13 4.82
CA ASP B 152 23.67 -24.55 5.11
C ASP B 152 22.34 -25.11 4.60
N GLY B 153 21.44 -24.30 4.03
CA GLY B 153 20.14 -24.80 3.65
C GLY B 153 18.97 -24.51 4.62
N SER B 154 19.24 -24.18 5.88
CA SER B 154 18.22 -23.80 6.81
C SER B 154 17.30 -22.73 6.21
N VAL B 155 16.07 -22.64 6.70
CA VAL B 155 15.01 -21.82 6.11
C VAL B 155 14.41 -21.07 7.29
N LYS B 156 14.20 -19.75 7.19
CA LYS B 156 13.65 -19.07 8.35
C LYS B 156 12.69 -17.99 7.90
N LEU B 157 11.54 -17.95 8.58
CA LEU B 157 10.56 -16.91 8.37
C LEU B 157 11.09 -15.63 9.02
N THR B 158 10.74 -14.48 8.45
CA THR B 158 10.93 -13.22 9.15
C THR B 158 9.70 -12.32 8.93
N ASP B 159 9.76 -11.14 9.57
CA ASP B 159 8.90 -10.00 9.25
C ASP B 159 7.42 -10.24 9.61
N PHE B 160 7.23 -10.74 10.86
CA PHE B 160 5.95 -10.94 11.60
C PHE B 160 5.91 -10.02 12.82
N GLY B 161 4.69 -9.64 13.23
CA GLY B 161 4.46 -9.01 14.53
C GLY B 161 3.22 -9.54 15.24
N GLU B 169 -2.48 -1.84 8.44
CA GLU B 169 -3.95 -1.90 8.24
C GLU B 169 -4.43 -0.60 7.56
N GLN B 170 -5.02 -0.73 6.34
CA GLN B 170 -5.41 0.38 5.46
C GLN B 170 -6.94 0.50 5.27
N SER B 171 -7.35 1.77 5.24
CA SER B 171 -8.74 2.18 5.28
C SER B 171 -9.44 1.80 3.98
N LYS B 172 -10.71 1.56 4.16
CA LYS B 172 -11.68 1.57 3.11
C LYS B 172 -11.40 2.76 2.18
N ARG B 173 -10.90 3.92 2.64
CA ARG B 173 -10.87 5.13 1.82
C ARG B 173 -9.64 5.12 0.91
N SER B 174 -8.68 4.22 1.17
CA SER B 174 -7.40 4.18 0.52
C SER B 174 -7.50 3.47 -0.81
N GLU B 175 -6.68 3.88 -1.77
CA GLU B 175 -6.62 3.18 -3.03
C GLU B 175 -5.63 2.05 -2.76
N MET B 176 -5.65 1.08 -3.65
CA MET B 176 -4.72 -0.03 -3.61
C MET B 176 -3.52 0.24 -4.53
N VAL B 177 -2.27 0.14 -4.02
CA VAL B 177 -1.08 0.19 -4.89
C VAL B 177 -0.55 -1.21 -5.19
N GLY B 178 -0.10 -1.97 -4.18
CA GLY B 178 0.31 -3.34 -4.54
C GLY B 178 -0.90 -4.23 -4.91
N THR B 179 -0.68 -5.38 -5.54
CA THR B 179 -1.61 -6.47 -5.50
C THR B 179 -1.35 -7.31 -4.26
N PRO B 180 -2.33 -7.55 -3.34
CA PRO B 180 -2.07 -8.39 -2.14
C PRO B 180 -2.24 -9.90 -2.50
N TYR B 181 -1.34 -10.44 -3.31
CA TYR B 181 -1.58 -11.67 -4.04
C TYR B 181 -1.59 -12.81 -3.06
N TRP B 182 -0.97 -12.67 -1.90
CA TRP B 182 -0.84 -13.81 -0.99
C TRP B 182 -1.99 -13.92 0.03
N MET B 183 -2.92 -12.96 -0.07
CA MET B 183 -4.00 -12.88 0.93
C MET B 183 -5.20 -13.79 0.66
N ALA B 184 -5.63 -14.39 1.75
CA ALA B 184 -6.80 -15.32 1.71
C ALA B 184 -8.14 -14.63 1.47
N PRO B 185 -9.12 -15.34 0.84
CA PRO B 185 -10.39 -14.73 0.44
C PRO B 185 -11.08 -14.02 1.61
N GLU B 186 -10.86 -14.52 2.85
CA GLU B 186 -11.51 -14.01 4.04
C GLU B 186 -10.85 -12.73 4.48
N VAL B 187 -9.56 -12.53 4.18
CA VAL B 187 -8.85 -11.29 4.52
C VAL B 187 -9.25 -10.17 3.61
N VAL B 188 -9.22 -10.51 2.35
CA VAL B 188 -9.89 -9.69 1.36
C VAL B 188 -11.34 -9.76 1.83
N THR B 189 -12.28 -9.01 1.32
CA THR B 189 -13.63 -9.14 1.88
C THR B 189 -13.66 -8.87 3.41
N ARG B 190 -12.53 -8.47 4.02
CA ARG B 190 -12.48 -7.85 5.33
C ARG B 190 -13.28 -8.60 6.41
N LYS B 191 -13.54 -9.88 6.23
CA LYS B 191 -14.06 -10.65 7.35
C LYS B 191 -13.01 -10.74 8.50
N ALA B 192 -13.47 -11.40 9.58
CA ALA B 192 -12.63 -11.70 10.73
C ALA B 192 -11.89 -12.97 10.35
N TYR B 193 -10.65 -13.15 10.81
CA TYR B 193 -9.86 -14.28 10.36
C TYR B 193 -8.86 -14.75 11.42
N GLY B 194 -8.40 -16.00 11.26
CA GLY B 194 -7.53 -16.59 12.24
C GLY B 194 -6.30 -17.18 11.53
N PRO B 195 -5.59 -18.09 12.16
CA PRO B 195 -4.29 -18.49 11.67
C PRO B 195 -4.21 -19.17 10.33
N LYS B 196 -5.31 -19.73 9.91
CA LYS B 196 -5.33 -20.37 8.63
C LYS B 196 -5.11 -19.42 7.47
N VAL B 197 -5.07 -18.08 7.65
CA VAL B 197 -4.79 -17.25 6.46
C VAL B 197 -3.30 -17.45 6.05
N ASP B 198 -2.46 -17.88 7.01
CA ASP B 198 -1.04 -18.14 6.79
C ASP B 198 -0.91 -19.44 5.94
N ILE B 199 -1.86 -20.38 6.01
CA ILE B 199 -1.82 -21.63 5.29
C ILE B 199 -2.22 -21.35 3.85
N TRP B 200 -3.24 -20.54 3.68
CA TRP B 200 -3.54 -19.98 2.34
C TRP B 200 -2.29 -19.38 1.69
N SER B 201 -1.62 -18.46 2.41
CA SER B 201 -0.49 -17.70 1.86
C SER B 201 0.65 -18.66 1.49
N LEU B 202 0.85 -19.75 2.27
CA LEU B 202 1.86 -20.76 1.98
C LEU B 202 1.58 -21.46 0.65
N GLY B 203 0.30 -21.74 0.42
CA GLY B 203 -0.22 -22.32 -0.77
C GLY B 203 0.17 -21.42 -1.94
N ILE B 204 -0.05 -20.11 -1.78
CA ILE B 204 0.19 -19.18 -2.87
C ILE B 204 1.71 -19.14 -3.14
N MET B 205 2.49 -19.26 -2.10
CA MET B 205 3.93 -19.23 -2.19
C MET B 205 4.47 -20.48 -2.89
N ALA B 206 3.74 -21.60 -2.80
CA ALA B 206 4.16 -22.84 -3.46
C ALA B 206 3.88 -22.71 -4.95
N ILE B 207 2.85 -21.95 -5.31
CA ILE B 207 2.55 -21.73 -6.73
C ILE B 207 3.62 -20.78 -7.27
N GLU B 208 3.98 -19.79 -6.43
CA GLU B 208 5.06 -18.91 -6.83
C GLU B 208 6.31 -19.70 -7.13
N MET B 209 6.73 -20.55 -6.15
CA MET B 209 7.94 -21.38 -6.33
C MET B 209 7.93 -22.18 -7.63
N ILE B 210 6.83 -22.82 -7.98
CA ILE B 210 6.73 -23.65 -9.14
C ILE B 210 6.55 -22.79 -10.40
N GLU B 211 5.91 -21.63 -10.38
CA GLU B 211 5.69 -20.83 -11.60
C GLU B 211 6.81 -19.79 -11.84
N GLY B 212 7.63 -19.52 -10.85
CA GLY B 212 8.73 -18.55 -11.05
C GLY B 212 8.30 -17.11 -10.83
N GLU B 213 7.06 -16.83 -10.39
CA GLU B 213 6.65 -15.46 -10.11
C GLU B 213 5.33 -15.52 -9.33
N PRO B 214 4.92 -14.45 -8.66
CA PRO B 214 3.64 -14.37 -7.92
C PRO B 214 2.46 -14.42 -8.89
N PRO B 215 1.29 -14.90 -8.47
CA PRO B 215 0.17 -14.84 -9.39
C PRO B 215 -0.42 -13.42 -9.55
N TYR B 216 -1.22 -13.22 -10.57
CA TYR B 216 -2.02 -12.02 -10.78
C TYR B 216 -1.12 -10.94 -11.35
N LEU B 217 0.08 -11.28 -11.82
CA LEU B 217 1.03 -10.28 -12.30
C LEU B 217 0.42 -9.41 -13.37
N ASN B 218 -0.40 -9.97 -14.22
CA ASN B 218 -0.91 -9.15 -15.31
C ASN B 218 -2.19 -8.41 -14.92
N GLU B 219 -2.66 -8.47 -13.65
CA GLU B 219 -4.01 -7.93 -13.38
C GLU B 219 -3.82 -6.67 -12.54
N ASN B 220 -4.74 -5.70 -12.73
CA ASN B 220 -4.98 -4.58 -11.84
C ASN B 220 -5.36 -5.17 -10.51
N PRO B 221 -4.90 -4.56 -9.43
CA PRO B 221 -5.24 -4.99 -8.09
C PRO B 221 -6.69 -5.22 -7.72
N LEU B 222 -7.59 -4.33 -8.17
CA LEU B 222 -8.98 -4.50 -7.78
C LEU B 222 -9.56 -5.71 -8.54
N ARG B 223 -9.13 -5.95 -9.79
CA ARG B 223 -9.54 -7.14 -10.51
C ARG B 223 -9.07 -8.38 -9.74
N ALA B 224 -7.85 -8.38 -9.21
CA ALA B 224 -7.30 -9.51 -8.50
C ALA B 224 -8.01 -9.72 -7.18
N LEU B 225 -8.31 -8.65 -6.45
CA LEU B 225 -9.10 -8.80 -5.24
C LEU B 225 -10.35 -9.64 -5.49
N TYR B 226 -11.02 -9.29 -6.57
CA TYR B 226 -12.23 -9.87 -7.01
C TYR B 226 -11.96 -11.36 -7.30
N LEU B 227 -10.92 -11.69 -8.07
CA LEU B 227 -10.61 -13.09 -8.43
C LEU B 227 -10.35 -13.88 -7.14
N ILE B 228 -9.59 -13.31 -6.28
CA ILE B 228 -9.28 -13.98 -5.05
C ILE B 228 -10.58 -14.26 -4.30
N ALA B 229 -11.50 -13.27 -4.21
CA ALA B 229 -12.65 -13.37 -3.31
C ALA B 229 -13.62 -14.40 -3.87
N THR B 230 -13.72 -14.46 -5.22
CA THR B 230 -14.73 -15.25 -5.83
C THR B 230 -14.21 -16.61 -6.19
N ASN B 231 -13.01 -16.70 -6.80
CA ASN B 231 -12.49 -17.93 -7.37
C ASN B 231 -11.59 -18.65 -6.39
N GLY B 232 -10.98 -17.92 -5.46
CA GLY B 232 -10.09 -18.54 -4.52
C GLY B 232 -8.69 -18.62 -5.12
N THR B 233 -8.36 -19.86 -5.55
CA THR B 233 -7.02 -20.20 -5.99
C THR B 233 -6.79 -19.42 -7.27
N PRO B 234 -5.56 -18.95 -7.57
CA PRO B 234 -5.25 -18.49 -8.92
C PRO B 234 -5.30 -19.72 -9.81
N GLU B 235 -5.49 -19.44 -11.12
CA GLU B 235 -5.52 -20.48 -12.13
C GLU B 235 -4.08 -20.93 -12.32
N LEU B 236 -3.74 -22.17 -12.04
CA LEU B 236 -2.35 -22.51 -12.26
C LEU B 236 -2.02 -22.22 -13.73
N GLN B 237 -0.84 -21.63 -14.04
CA GLN B 237 -0.53 -21.37 -15.45
C GLN B 237 -0.31 -22.67 -16.28
N ASN B 238 0.26 -23.69 -15.67
CA ASN B 238 0.66 -24.90 -16.35
C ASN B 238 0.37 -26.10 -15.49
N PRO B 239 -0.91 -26.41 -15.15
CA PRO B 239 -1.22 -27.45 -14.18
C PRO B 239 -0.62 -28.82 -14.49
N GLU B 240 -0.48 -29.13 -15.78
CA GLU B 240 -0.01 -30.41 -16.28
C GLU B 240 1.38 -30.74 -15.75
N LYS B 241 2.19 -29.70 -15.58
CA LYS B 241 3.50 -29.80 -15.00
C LYS B 241 3.53 -30.25 -13.55
N LEU B 242 2.45 -30.17 -12.76
CA LEU B 242 2.51 -30.43 -11.31
C LEU B 242 2.17 -31.90 -11.06
N SER B 243 2.89 -32.58 -10.17
CA SER B 243 2.52 -33.91 -9.73
C SER B 243 1.14 -33.90 -9.07
N ALA B 244 0.43 -35.05 -9.06
CA ALA B 244 -0.87 -35.18 -8.43
C ALA B 244 -0.74 -34.94 -6.93
N ILE B 245 0.30 -35.45 -6.26
CA ILE B 245 0.37 -35.23 -4.82
C ILE B 245 0.59 -33.71 -4.49
N PHE B 246 1.46 -32.99 -5.21
CA PHE B 246 1.65 -31.54 -5.02
C PHE B 246 0.34 -30.83 -5.28
N ARG B 247 -0.38 -31.13 -6.36
CA ARG B 247 -1.62 -30.43 -6.60
CA ARG B 247 -1.65 -30.50 -6.63
C ARG B 247 -2.60 -30.72 -5.46
N ASP B 248 -2.52 -31.89 -4.87
CA ASP B 248 -3.35 -32.21 -3.72
C ASP B 248 -2.98 -31.32 -2.55
N PHE B 249 -1.66 -31.11 -2.31
CA PHE B 249 -1.20 -30.30 -1.18
C PHE B 249 -1.70 -28.86 -1.38
N LEU B 250 -1.62 -28.36 -2.60
CA LEU B 250 -2.13 -27.05 -2.90
C LEU B 250 -3.61 -27.01 -2.55
N ASN B 251 -4.44 -28.00 -2.99
CA ASN B 251 -5.90 -27.95 -2.79
C ASN B 251 -6.27 -27.88 -1.30
N ARG B 252 -5.45 -28.55 -0.46
CA ARG B 252 -5.61 -28.48 0.99
C ARG B 252 -5.27 -27.08 1.56
N CYS B 253 -4.30 -26.36 0.97
CA CYS B 253 -3.90 -25.08 1.51
C CYS B 253 -4.90 -24.06 1.00
N LEU B 254 -5.32 -24.17 -0.29
CA LEU B 254 -6.12 -23.17 -0.96
C LEU B 254 -7.64 -23.54 -0.92
N GLU B 255 -8.12 -24.08 0.21
CA GLU B 255 -9.53 -24.39 0.47
C GLU B 255 -10.25 -23.09 0.84
N MET B 256 -11.21 -22.59 0.04
CA MET B 256 -11.97 -21.40 0.42
C MET B 256 -12.70 -21.53 1.77
N ASP B 257 -13.25 -22.72 2.02
CA ASP B 257 -13.90 -23.03 3.28
C ASP B 257 -12.85 -23.13 4.38
N VAL B 258 -12.83 -22.14 5.27
CA VAL B 258 -11.84 -22.04 6.31
C VAL B 258 -11.77 -23.32 7.15
N GLU B 259 -12.88 -23.96 7.51
CA GLU B 259 -12.82 -25.09 8.44
C GLU B 259 -12.27 -26.31 7.74
N LYS B 260 -12.47 -26.40 6.42
CA LYS B 260 -11.94 -27.46 5.60
C LYS B 260 -10.44 -27.26 5.30
N ARG B 261 -9.90 -26.02 5.37
CA ARG B 261 -8.48 -25.77 5.06
C ARG B 261 -7.65 -26.41 6.14
N GLY B 262 -6.55 -27.05 5.76
CA GLY B 262 -5.70 -27.59 6.80
C GLY B 262 -5.14 -26.54 7.74
N SER B 263 -4.85 -27.02 8.96
CA SER B 263 -3.97 -26.35 9.89
C SER B 263 -2.49 -26.60 9.60
N ALA B 264 -1.57 -25.91 10.33
CA ALA B 264 -0.17 -26.16 10.10
C ALA B 264 0.15 -27.59 10.52
N LYS B 265 -0.19 -27.91 11.75
CA LYS B 265 -0.12 -29.28 12.29
C LYS B 265 -0.65 -30.38 11.35
N GLU B 266 -1.79 -30.15 10.71
CA GLU B 266 -2.29 -31.22 9.84
C GLU B 266 -1.44 -31.34 8.59
N LEU B 267 -0.95 -30.22 8.07
CA LEU B 267 -0.31 -30.24 6.75
C LEU B 267 1.08 -30.78 6.85
N LEU B 268 1.60 -30.83 8.07
CA LEU B 268 2.94 -31.39 8.29
C LEU B 268 2.93 -32.90 8.08
N GLN B 269 1.74 -33.51 8.02
CA GLN B 269 1.62 -34.95 7.78
C GLN B 269 1.26 -35.17 6.32
N HIS B 270 1.03 -34.12 5.54
CA HIS B 270 0.71 -34.37 4.15
C HIS B 270 1.83 -35.17 3.44
N GLN B 271 1.42 -36.08 2.52
CA GLN B 271 2.31 -36.93 1.75
C GLN B 271 3.28 -36.14 0.85
N PHE B 272 2.88 -34.98 0.26
CA PHE B 272 3.76 -34.14 -0.52
C PHE B 272 5.08 -33.88 0.17
N LEU B 273 4.99 -33.64 1.47
CA LEU B 273 6.17 -33.23 2.22
C LEU B 273 7.16 -34.36 2.28
N LYS B 274 6.72 -35.56 1.98
CA LYS B 274 7.60 -36.69 2.18
C LYS B 274 8.51 -36.92 0.98
N ILE B 275 8.29 -36.22 -0.15
CA ILE B 275 9.29 -36.15 -1.17
C ILE B 275 10.31 -35.06 -0.93
N ALA B 276 10.31 -34.45 0.27
CA ALA B 276 11.27 -33.37 0.47
C ALA B 276 12.68 -33.94 0.31
N LYS B 277 13.51 -33.28 -0.46
CA LYS B 277 14.91 -33.50 -0.42
C LYS B 277 15.50 -32.89 0.85
N PRO B 278 16.69 -33.36 1.29
CA PRO B 278 17.42 -32.71 2.39
C PRO B 278 17.72 -31.25 2.09
N LEU B 279 17.89 -30.45 3.15
CA LEU B 279 18.03 -28.98 3.03
C LEU B 279 19.33 -28.60 2.32
N SER B 280 20.33 -29.50 2.34
CA SER B 280 21.56 -29.31 1.58
C SER B 280 21.25 -29.13 0.08
N SER B 281 20.11 -29.67 -0.37
CA SER B 281 19.75 -29.56 -1.78
C SER B 281 19.34 -28.15 -2.16
N LEU B 282 19.18 -27.27 -1.17
CA LEU B 282 18.90 -25.88 -1.51
C LEU B 282 20.18 -25.02 -1.71
N THR B 283 21.35 -25.48 -1.36
CA THR B 283 22.51 -24.60 -1.44
C THR B 283 22.89 -24.33 -2.88
N PRO B 284 22.74 -25.30 -3.79
CA PRO B 284 23.00 -24.99 -5.20
C PRO B 284 22.11 -23.88 -5.70
N LEU B 285 20.91 -23.82 -5.13
CA LEU B 285 20.01 -22.80 -5.62
C LEU B 285 20.52 -21.43 -5.17
N ILE B 286 20.97 -21.32 -3.94
CA ILE B 286 21.51 -20.04 -3.41
C ILE B 286 22.77 -19.59 -4.20
N ALA B 287 23.68 -20.55 -4.46
CA ALA B 287 24.85 -20.28 -5.33
C ALA B 287 24.38 -19.83 -6.68
N ALA B 288 23.34 -20.43 -7.29
CA ALA B 288 22.88 -19.90 -8.58
C ALA B 288 22.34 -18.48 -8.45
N ALA B 289 21.56 -18.21 -7.40
CA ALA B 289 20.96 -16.89 -7.24
C ALA B 289 22.04 -15.82 -7.02
N LYS B 290 23.06 -16.13 -6.21
CA LYS B 290 24.18 -15.22 -6.05
C LYS B 290 24.94 -14.96 -7.33
N GLU B 291 25.19 -16.00 -8.10
CA GLU B 291 25.91 -15.86 -9.32
C GLU B 291 25.13 -15.01 -10.28
N ALA B 292 23.81 -15.14 -10.25
CA ALA B 292 22.97 -14.52 -11.28
C ALA B 292 22.78 -13.06 -10.90
N THR B 293 22.66 -12.76 -9.60
CA THR B 293 22.35 -11.40 -9.10
C THR B 293 23.66 -10.68 -8.85
N LYS B 294 24.68 -10.93 -9.66
CA LYS B 294 25.87 -10.10 -9.59
C LYS B 294 25.51 -8.64 -9.88
N ASN B 295 24.79 -8.33 -10.97
CA ASN B 295 24.74 -6.94 -11.45
C ASN B 295 23.50 -6.24 -10.93
C17 A1A2P C . 0.36 19.36 -0.08
C18 A1A2P C . 0.97 18.35 -1.03
C23 A1A2P C . -3.98 15.38 2.73
N01 A1A2P C . -4.11 13.37 -0.16
C02 A1A2P C . -4.17 14.42 0.75
C03 A1A2P C . -3.16 15.40 0.09
C04 A1A2P C . -2.04 15.64 1.12
C05 A1A2P C . -2.67 16.22 2.44
C06 A1A2P C . -1.70 16.11 3.67
N07 A1A2P C . -2.33 16.92 4.75
C08 A1A2P C . -2.31 18.34 4.82
N09 A1A2P C . -2.69 18.87 5.96
C10 A1A2P C . -2.68 20.17 6.16
C11 A1A2P C . -2.17 20.99 5.14
C12 A1A2P C . -1.73 20.34 3.99
N13 A1A2P C . -1.31 21.15 2.95
C14 A1A2P C . -0.63 20.59 1.79
N15 A1A2P C . -0.18 21.39 0.88
C16 A1A2P C . 0.37 20.72 -0.09
C19 A1A2P C . 0.40 17.13 -1.73
C20 A1A2P C . 1.40 16.95 -0.56
S21 A1A2P C . -0.34 18.95 1.40
N22 A1A2P C . -1.77 19.05 3.87
C24 A1A2P C . -3.73 13.92 2.16
C17 A1A2P D . 17.64 -10.77 8.75
C18 A1A2P D . 16.83 -10.03 9.84
C23 A1A2P D . 15.32 -9.04 2.69
N01 A1A2P D . 11.95 -8.80 4.81
C02 A1A2P D . 13.27 -9.35 4.34
C03 A1A2P D . 14.22 -9.22 5.59
C04 A1A2P D . 15.52 -8.45 5.33
C05 A1A2P D . 16.21 -8.96 4.01
C06 A1A2P D . 17.56 -8.18 3.78
N07 A1A2P D . 18.26 -9.03 2.76
C08 A1A2P D . 18.96 -10.37 2.95
N09 A1A2P D . 19.42 -11.08 1.91
C10 A1A2P D . 20.09 -12.27 2.00
C11 A1A2P D . 20.27 -12.79 3.29
C12 A1A2P D . 19.68 -12.05 4.36
N13 A1A2P D . 19.74 -12.54 5.74
C14 A1A2P D . 18.98 -11.97 6.89
N15 A1A2P D . 19.00 -12.46 8.16
C16 A1A2P D . 18.33 -11.90 9.15
C19 A1A2P D . 15.44 -9.54 10.20
C20 A1A2P D . 16.50 -8.58 9.60
S21 A1A2P D . 17.97 -10.60 6.98
N22 A1A2P D . 19.13 -10.86 4.19
C24 A1A2P D . 13.76 -8.89 2.89
#